data_1K0Z
#
_entry.id   1K0Z
#
_cell.length_a   84.740
_cell.length_b   105.630
_cell.length_c   46.900
_cell.angle_alpha   90.00
_cell.angle_beta   90.00
_cell.angle_gamma   90.00
#
_symmetry.space_group_name_H-M   'P 21 21 2'
#
loop_
_entity.id
_entity.type
_entity.pdbx_description
1 polymer 'Type II restriction enzyme PvuII'
2 non-polymer 'PRASEODYMIUM ION'
3 non-polymer 'SULFATE ION'
4 water water
#
_entity_poly.entity_id   1
_entity_poly.type   'polypeptide(L)'
_entity_poly.pdbx_seq_one_letter_code
;SHPDLNKLLELWPHIQEYQDLALKHGINDIFQDNGGKLLQVLLITGLTVLPGREGNDAVDNAGQEYELKSINIDLTKGFS
THHHMNPVIIAKYRQVPWIFAIYRGIAIEAIYRLEPKDLEFYYDKWERKWYSDGHKDINNPKIPVKYVMEHGTKIY
;
_entity_poly.pdbx_strand_id   A,B
#
loop_
_chem_comp.id
_chem_comp.type
_chem_comp.name
_chem_comp.formula
PR non-polymer 'PRASEODYMIUM ION' 'Pr 3'
SO4 non-polymer 'SULFATE ION' 'O4 S -2'
#
# COMPACT_ATOMS: atom_id res chain seq x y z
N ASP A 4 -21.10 9.85 -8.63
CA ASP A 4 -19.92 9.28 -7.91
C ASP A 4 -19.07 10.36 -7.27
N LEU A 5 -18.86 11.45 -8.00
CA LEU A 5 -18.09 12.57 -7.48
C LEU A 5 -18.85 13.16 -6.29
N ASN A 6 -20.14 12.86 -6.23
CA ASN A 6 -21.00 13.30 -5.15
C ASN A 6 -20.66 12.42 -3.97
N LYS A 7 -20.43 11.14 -4.24
CA LYS A 7 -20.09 10.16 -3.20
C LYS A 7 -18.80 10.52 -2.51
N LEU A 8 -17.85 11.07 -3.27
CA LEU A 8 -16.57 11.46 -2.72
C LEU A 8 -16.73 12.62 -1.74
N LEU A 9 -17.60 13.57 -2.09
CA LEU A 9 -17.84 14.71 -1.22
C LEU A 9 -18.51 14.26 0.08
N GLU A 10 -19.34 13.24 -0.02
CA GLU A 10 -20.04 12.74 1.15
C GLU A 10 -19.18 11.81 2.01
N LEU A 11 -18.27 11.08 1.36
CA LEU A 11 -17.42 10.13 2.05
C LEU A 11 -16.06 10.65 2.54
N TRP A 12 -15.47 11.60 1.84
CA TRP A 12 -14.15 12.10 2.21
C TRP A 12 -13.96 12.57 3.64
N PRO A 13 -14.91 13.37 4.18
CA PRO A 13 -14.77 13.85 5.56
C PRO A 13 -14.52 12.71 6.55
N HIS A 14 -15.19 11.59 6.34
CA HIS A 14 -15.01 10.44 7.23
C HIS A 14 -13.68 9.76 6.98
N ILE A 15 -13.22 9.79 5.73
CA ILE A 15 -11.95 9.20 5.38
C ILE A 15 -10.82 9.99 6.05
N GLN A 16 -10.91 11.31 6.02
CA GLN A 16 -9.87 12.13 6.63
C GLN A 16 -9.85 11.89 8.13
N GLU A 17 -11.03 11.68 8.72
CA GLU A 17 -11.09 11.44 10.15
C GLU A 17 -10.44 10.10 10.51
N TYR A 18 -10.57 9.13 9.60
CA TYR A 18 -9.99 7.82 9.80
C TYR A 18 -8.47 7.94 9.73
N GLN A 19 -7.98 8.78 8.83
CA GLN A 19 -6.55 9.02 8.67
C GLN A 19 -6.03 9.77 9.90
N ASP A 20 -6.84 10.68 10.43
CA ASP A 20 -6.49 11.44 11.62
C ASP A 20 -6.28 10.48 12.78
N LEU A 21 -7.18 9.50 12.87
CA LEU A 21 -7.11 8.50 13.92
C LEU A 21 -5.84 7.66 13.69
N ALA A 22 -5.59 7.31 12.44
CA ALA A 22 -4.41 6.53 12.08
C ALA A 22 -3.13 7.23 12.52
N LEU A 23 -3.03 8.53 12.25
CA LEU A 23 -1.84 9.29 12.62
C LEU A 23 -1.56 9.20 14.11
N LYS A 24 -2.61 9.33 14.92
CA LYS A 24 -2.47 9.26 16.36
C LYS A 24 -1.86 7.95 16.81
N HIS A 25 -2.02 6.90 15.99
CA HIS A 25 -1.48 5.60 16.35
C HIS A 25 -0.24 5.19 15.58
N GLY A 26 0.45 6.17 15.00
CA GLY A 26 1.67 5.87 14.28
C GLY A 26 1.56 5.35 12.87
N ILE A 27 0.41 5.52 12.25
CA ILE A 27 0.22 5.08 10.87
C ILE A 27 0.12 6.37 10.04
N ASN A 28 1.17 6.63 9.27
CA ASN A 28 1.25 7.85 8.46
C ASN A 28 0.39 7.91 7.22
N ASP A 29 0.13 6.77 6.60
CA ASP A 29 -0.67 6.74 5.37
C ASP A 29 -1.50 5.48 5.31
N ILE A 30 -2.80 5.64 5.53
CA ILE A 30 -3.71 4.50 5.51
C ILE A 30 -3.81 3.84 4.14
N PHE A 31 -3.48 4.58 3.09
CA PHE A 31 -3.58 4.04 1.72
C PHE A 31 -2.35 3.34 1.17
N GLN A 32 -1.38 3.05 2.03
CA GLN A 32 -0.16 2.35 1.62
C GLN A 32 0.22 1.30 2.64
N ASP A 33 0.82 0.21 2.15
CA ASP A 33 1.28 -0.88 3.00
C ASP A 33 0.27 -1.31 4.05
N ASN A 34 -0.96 -1.56 3.61
CA ASN A 34 -2.03 -2.00 4.50
C ASN A 34 -2.27 -1.11 5.72
N GLY A 35 -1.88 0.15 5.64
CA GLY A 35 -2.07 1.06 6.77
C GLY A 35 -3.46 1.05 7.38
N GLY A 36 -4.49 1.15 6.53
CA GLY A 36 -5.86 1.15 7.01
C GLY A 36 -6.31 -0.15 7.63
N LYS A 37 -5.60 -1.23 7.34
CA LYS A 37 -5.94 -2.53 7.91
C LYS A 37 -5.29 -2.70 9.27
N LEU A 38 -4.00 -2.35 9.35
CA LEU A 38 -3.25 -2.47 10.60
C LEU A 38 -3.94 -1.70 11.72
N LEU A 39 -4.44 -0.51 11.39
CA LEU A 39 -5.11 0.32 12.38
C LEU A 39 -6.24 -0.42 13.12
N GLN A 40 -7.03 -1.19 12.39
CA GLN A 40 -8.13 -1.91 13.01
C GLN A 40 -7.61 -2.85 14.09
N VAL A 41 -6.56 -3.59 13.76
CA VAL A 41 -5.98 -4.53 14.70
C VAL A 41 -5.49 -3.81 15.93
N LEU A 42 -4.80 -2.70 15.72
CA LEU A 42 -4.26 -1.92 16.83
C LEU A 42 -5.34 -1.42 17.79
N LEU A 43 -6.41 -0.84 17.24
CA LEU A 43 -7.49 -0.31 18.06
C LEU A 43 -8.27 -1.37 18.82
N ILE A 44 -8.53 -2.49 18.15
CA ILE A 44 -9.27 -3.58 18.76
C ILE A 44 -8.46 -4.20 19.90
N THR A 45 -7.21 -4.50 19.59
CA THR A 45 -6.30 -5.15 20.53
C THR A 45 -5.62 -4.23 21.55
N GLY A 46 -5.65 -2.93 21.31
CA GLY A 46 -5.03 -2.00 22.24
C GLY A 46 -3.51 -2.02 22.23
N LEU A 47 -2.90 -2.44 21.13
CA LEU A 47 -1.45 -2.48 21.07
C LEU A 47 -0.88 -1.22 20.44
N THR A 48 0.44 -1.06 20.56
CA THR A 48 1.17 0.07 20.02
C THR A 48 2.15 -0.49 19.00
N VAL A 49 2.20 0.12 17.81
CA VAL A 49 3.11 -0.37 16.77
C VAL A 49 4.56 -0.05 17.06
N LEU A 50 5.44 -0.93 16.63
CA LEU A 50 6.88 -0.75 16.79
C LEU A 50 7.52 -0.49 15.44
N PRO A 51 8.66 0.21 15.42
CA PRO A 51 9.36 0.50 14.16
C PRO A 51 9.72 -0.79 13.43
N GLY A 52 9.72 -0.74 12.11
CA GLY A 52 10.03 -1.93 11.33
C GLY A 52 11.49 -2.32 11.39
N GLY A 55 11.52 -7.98 12.96
CA GLY A 55 11.42 -8.32 14.40
C GLY A 55 10.02 -8.11 14.94
N ASN A 56 9.91 -7.87 16.23
CA ASN A 56 8.61 -7.65 16.86
C ASN A 56 7.90 -6.47 16.22
N ASP A 57 6.58 -6.56 16.12
CA ASP A 57 5.78 -5.55 15.46
C ASP A 57 4.95 -4.64 16.35
N ALA A 58 4.66 -5.07 17.57
CA ALA A 58 3.85 -4.28 18.47
C ALA A 58 4.16 -4.59 19.94
N VAL A 59 3.63 -3.78 20.84
CA VAL A 59 3.82 -3.96 22.26
C VAL A 59 2.58 -3.50 22.98
N ASP A 60 2.33 -4.09 24.15
CA ASP A 60 1.17 -3.70 24.95
C ASP A 60 1.63 -2.74 26.05
N ASN A 61 0.68 -2.25 26.84
CA ASN A 61 1.01 -1.29 27.91
C ASN A 61 1.95 -1.82 28.97
N ALA A 62 2.10 -3.13 29.07
CA ALA A 62 2.97 -3.74 30.06
C ALA A 62 4.37 -3.99 29.51
N GLY A 63 4.62 -3.54 28.29
CA GLY A 63 5.92 -3.72 27.69
C GLY A 63 6.16 -5.06 26.99
N GLN A 64 5.11 -5.87 26.85
CA GLN A 64 5.25 -7.17 26.18
C GLN A 64 5.22 -6.97 24.68
N GLU A 65 6.28 -7.40 24.01
CA GLU A 65 6.35 -7.28 22.57
C GLU A 65 5.67 -8.49 21.91
N TYR A 66 5.12 -8.27 20.71
CA TYR A 66 4.42 -9.31 19.99
C TYR A 66 4.87 -9.38 18.55
N GLU A 67 4.65 -10.55 17.96
CA GLU A 67 4.95 -10.76 16.56
C GLU A 67 3.55 -10.74 15.95
N LEU A 68 3.38 -9.99 14.86
CA LEU A 68 2.08 -9.89 14.22
C LEU A 68 2.07 -10.40 12.80
N LYS A 69 1.10 -11.26 12.50
CA LYS A 69 0.93 -11.86 11.19
C LYS A 69 -0.49 -11.63 10.73
N SER A 70 -0.66 -11.29 9.46
CA SER A 70 -2.00 -11.06 8.93
C SER A 70 -2.22 -11.88 7.69
N ILE A 71 -3.48 -12.08 7.34
CA ILE A 71 -3.83 -12.88 6.18
C ILE A 71 -5.16 -12.44 5.60
N ASN A 72 -5.27 -12.48 4.28
CA ASN A 72 -6.51 -12.16 3.60
C ASN A 72 -7.11 -13.54 3.36
N ILE A 73 -8.11 -13.90 4.16
CA ILE A 73 -8.74 -15.21 4.07
C ILE A 73 -9.24 -15.61 2.67
N ASP A 74 -9.54 -14.64 1.83
CA ASP A 74 -10.03 -14.94 0.49
C ASP A 74 -8.93 -15.26 -0.51
N LEU A 75 -7.68 -14.94 -0.15
CA LEU A 75 -6.56 -15.19 -1.05
C LEU A 75 -5.65 -16.34 -0.64
N THR A 76 -5.47 -16.54 0.66
CA THR A 76 -4.61 -17.62 1.13
C THR A 76 -5.15 -18.26 2.39
N LYS A 77 -4.59 -19.41 2.76
CA LYS A 77 -5.04 -20.13 3.94
C LYS A 77 -3.87 -20.44 4.87
N GLY A 78 -2.75 -19.75 4.67
CA GLY A 78 -1.59 -19.97 5.52
C GLY A 78 -0.84 -18.69 5.82
N PHE A 79 -0.54 -18.47 7.10
CA PHE A 79 0.22 -17.28 7.50
C PHE A 79 1.69 -17.50 7.13
N SER A 80 2.34 -16.47 6.62
CA SER A 80 3.75 -16.56 6.26
C SER A 80 4.60 -16.28 7.49
N THR A 81 5.87 -16.68 7.46
CA THR A 81 6.75 -16.46 8.59
C THR A 81 7.97 -15.61 8.21
N HIS A 82 9.00 -16.27 7.69
CA HIS A 82 10.22 -15.59 7.29
C HIS A 82 10.79 -16.36 6.11
N HIS A 83 11.11 -15.65 5.02
CA HIS A 83 11.64 -16.30 3.82
C HIS A 83 12.91 -17.10 4.06
N HIS A 84 13.77 -16.63 4.95
CA HIS A 84 15.01 -17.34 5.24
C HIS A 84 15.04 -17.91 6.65
N MET A 85 14.10 -18.80 6.94
CA MET A 85 13.97 -19.43 8.25
C MET A 85 15.25 -20.13 8.69
N ASN A 86 15.73 -19.77 9.88
CA ASN A 86 16.93 -20.38 10.44
C ASN A 86 16.84 -20.29 11.97
N PRO A 87 17.73 -21.00 12.69
CA PRO A 87 17.71 -20.99 14.16
C PRO A 87 17.82 -19.62 14.83
N VAL A 88 18.47 -18.66 14.17
CA VAL A 88 18.61 -17.32 14.74
C VAL A 88 17.22 -16.68 14.86
N ILE A 89 16.49 -16.69 13.76
CA ILE A 89 15.14 -16.11 13.72
C ILE A 89 14.22 -16.86 14.68
N ILE A 90 14.26 -18.19 14.63
CA ILE A 90 13.44 -19.02 15.48
C ILE A 90 13.64 -18.68 16.94
N ALA A 91 14.90 -18.49 17.34
CA ALA A 91 15.21 -18.15 18.72
C ALA A 91 14.45 -16.88 19.11
N LYS A 92 14.37 -15.93 18.19
CA LYS A 92 13.67 -14.68 18.45
C LYS A 92 12.17 -14.95 18.57
N TYR A 93 11.63 -15.73 17.64
CA TYR A 93 10.21 -16.08 17.61
C TYR A 93 9.75 -16.73 18.91
N ARG A 94 10.61 -17.56 19.49
CA ARG A 94 10.31 -18.28 20.73
C ARG A 94 10.02 -17.37 21.91
N GLN A 95 10.61 -16.18 21.90
CA GLN A 95 10.45 -15.25 23.00
C GLN A 95 9.14 -14.48 23.10
N VAL A 96 8.37 -14.42 22.01
CA VAL A 96 7.14 -13.64 22.04
C VAL A 96 5.86 -14.31 21.58
N PRO A 97 4.73 -13.85 22.14
CA PRO A 97 3.44 -14.43 21.73
C PRO A 97 3.13 -13.83 20.35
N TRP A 98 2.35 -14.53 19.56
CA TRP A 98 1.99 -14.07 18.21
C TRP A 98 0.54 -13.66 18.09
N ILE A 99 0.29 -12.58 17.36
CA ILE A 99 -1.05 -12.11 17.12
C ILE A 99 -1.31 -12.45 15.66
N PHE A 100 -2.42 -13.12 15.39
CA PHE A 100 -2.80 -13.53 14.03
C PHE A 100 -4.08 -12.83 13.65
N ALA A 101 -4.00 -11.97 12.63
CA ALA A 101 -5.16 -11.22 12.17
C ALA A 101 -5.73 -11.82 10.89
N ILE A 102 -7.04 -12.02 10.87
CA ILE A 102 -7.69 -12.59 9.71
C ILE A 102 -8.64 -11.58 9.08
N TYR A 103 -8.30 -11.15 7.86
CA TYR A 103 -9.11 -10.20 7.13
C TYR A 103 -9.86 -10.86 5.99
N ARG A 104 -10.92 -10.17 5.56
CA ARG A 104 -11.74 -10.58 4.42
C ARG A 104 -11.84 -9.24 3.70
N GLY A 105 -11.08 -9.08 2.63
CA GLY A 105 -11.08 -7.82 1.93
C GLY A 105 -10.29 -6.86 2.80
N ILE A 106 -10.88 -5.71 3.12
CA ILE A 106 -10.20 -4.72 3.96
C ILE A 106 -10.68 -4.80 5.41
N ALA A 107 -11.62 -5.69 5.68
CA ALA A 107 -12.19 -5.82 7.01
C ALA A 107 -11.62 -6.92 7.89
N ILE A 108 -11.39 -6.58 9.14
CA ILE A 108 -10.87 -7.53 10.11
C ILE A 108 -12.02 -8.49 10.46
N GLU A 109 -11.77 -9.79 10.36
CA GLU A 109 -12.79 -10.80 10.66
C GLU A 109 -12.59 -11.47 12.01
N ALA A 110 -11.34 -11.71 12.36
CA ALA A 110 -11.02 -12.37 13.62
C ALA A 110 -9.58 -12.16 14.01
N ILE A 111 -9.31 -12.26 15.29
CA ILE A 111 -7.95 -12.10 15.80
C ILE A 111 -7.69 -13.17 16.85
N TYR A 112 -6.55 -13.84 16.72
CA TYR A 112 -6.16 -14.89 17.66
C TYR A 112 -4.78 -14.62 18.23
N ARG A 113 -4.57 -15.10 19.45
CA ARG A 113 -3.28 -14.96 20.11
C ARG A 113 -2.76 -16.34 20.49
N LEU A 114 -1.52 -16.62 20.13
CA LEU A 114 -0.88 -17.89 20.46
C LEU A 114 0.33 -17.60 21.33
N GLU A 115 0.48 -18.38 22.40
CA GLU A 115 1.61 -18.23 23.30
C GLU A 115 2.74 -19.00 22.66
N PRO A 116 3.99 -18.72 23.06
CA PRO A 116 5.14 -19.44 22.49
C PRO A 116 4.97 -20.95 22.52
N LYS A 117 4.45 -21.47 23.63
CA LYS A 117 4.26 -22.90 23.80
C LYS A 117 3.28 -23.48 22.78
N ASP A 118 2.45 -22.62 22.20
CA ASP A 118 1.49 -23.08 21.19
C ASP A 118 2.16 -23.17 19.83
N LEU A 119 3.35 -22.59 19.70
CA LEU A 119 4.07 -22.61 18.44
C LEU A 119 5.33 -23.47 18.46
N GLU A 120 5.67 -23.99 19.63
CA GLU A 120 6.85 -24.83 19.78
C GLU A 120 6.83 -25.96 18.76
N PHE A 121 5.66 -26.55 18.54
CA PHE A 121 5.50 -27.64 17.59
C PHE A 121 6.18 -27.31 16.25
N TYR A 122 5.92 -26.13 15.73
CA TYR A 122 6.52 -25.70 14.47
C TYR A 122 7.97 -25.27 14.65
N TYR A 123 8.27 -24.60 15.76
CA TYR A 123 9.62 -24.15 16.04
C TYR A 123 10.59 -25.32 16.09
N ASP A 124 10.23 -26.33 16.86
CA ASP A 124 11.05 -27.53 16.98
C ASP A 124 11.20 -28.20 15.63
N LYS A 125 10.08 -28.35 14.93
CA LYS A 125 10.08 -28.97 13.62
C LYS A 125 11.02 -28.29 12.64
N TRP A 126 10.91 -26.97 12.49
CA TRP A 126 11.76 -26.25 11.57
C TRP A 126 13.22 -26.28 12.01
N GLU A 127 13.45 -26.12 13.32
CA GLU A 127 14.80 -26.11 13.83
C GLU A 127 15.49 -27.44 13.52
N ARG A 128 14.78 -28.55 13.70
CA ARG A 128 15.36 -29.86 13.41
C ARG A 128 15.58 -29.98 11.90
N LYS A 129 14.67 -29.38 11.14
CA LYS A 129 14.75 -29.38 9.68
C LYS A 129 16.04 -28.73 9.22
N TRP A 130 16.32 -27.56 9.79
CA TRP A 130 17.51 -26.80 9.45
C TRP A 130 18.80 -27.63 9.56
N TYR A 131 18.95 -28.35 10.66
CA TYR A 131 20.15 -29.16 10.87
C TYR A 131 20.17 -30.45 10.05
N SER A 132 19.01 -31.09 9.90
CA SER A 132 18.92 -32.34 9.13
C SER A 132 19.21 -32.16 7.65
N ASP A 133 18.73 -31.06 7.07
CA ASP A 133 18.92 -30.77 5.66
C ASP A 133 20.29 -30.15 5.38
N GLY A 134 21.20 -30.26 6.35
CA GLY A 134 22.53 -29.71 6.18
C GLY A 134 22.61 -28.20 6.23
N HIS A 135 22.04 -27.62 7.28
CA HIS A 135 22.04 -26.17 7.46
C HIS A 135 21.45 -25.43 6.27
N LYS A 136 20.23 -25.78 5.91
CA LYS A 136 19.55 -25.14 4.77
C LYS A 136 18.33 -24.35 5.23
N ASP A 137 18.31 -23.05 4.90
CA ASP A 137 17.23 -22.16 5.26
C ASP A 137 15.92 -22.55 4.57
N ILE A 138 14.86 -22.73 5.37
CA ILE A 138 13.56 -23.10 4.82
C ILE A 138 12.88 -21.84 4.26
N ASN A 139 12.30 -21.95 3.07
CA ASN A 139 11.65 -20.80 2.45
C ASN A 139 10.24 -20.56 2.99
N ASN A 140 10.09 -19.42 3.64
CA ASN A 140 8.81 -18.99 4.21
C ASN A 140 7.82 -20.12 4.49
N PRO A 141 8.07 -20.91 5.55
CA PRO A 141 7.18 -22.01 5.92
C PRO A 141 5.86 -21.38 6.38
N LYS A 142 4.74 -21.98 5.98
CA LYS A 142 3.45 -21.43 6.37
C LYS A 142 2.86 -22.08 7.61
N ILE A 143 1.99 -21.34 8.29
CA ILE A 143 1.29 -21.83 9.47
C ILE A 143 -0.18 -21.86 9.12
N PRO A 144 -0.77 -23.07 9.04
CA PRO A 144 -2.19 -23.24 8.71
C PRO A 144 -3.14 -22.44 9.60
N VAL A 145 -4.10 -21.79 8.96
CA VAL A 145 -5.10 -21.01 9.67
C VAL A 145 -5.89 -21.94 10.58
N LYS A 146 -6.02 -23.20 10.15
CA LYS A 146 -6.76 -24.18 10.94
C LYS A 146 -6.03 -24.40 12.26
N TYR A 147 -4.71 -24.34 12.21
CA TYR A 147 -3.91 -24.55 13.41
C TYR A 147 -4.10 -23.40 14.39
N VAL A 148 -4.03 -22.16 13.90
CA VAL A 148 -4.21 -21.01 14.79
C VAL A 148 -5.60 -21.00 15.41
N MET A 149 -6.63 -21.28 14.61
CA MET A 149 -8.00 -21.31 15.10
C MET A 149 -8.20 -22.40 16.14
N GLU A 150 -7.38 -23.43 16.04
CA GLU A 150 -7.47 -24.59 16.93
C GLU A 150 -6.63 -24.49 18.21
N HIS A 151 -5.56 -23.72 18.20
CA HIS A 151 -4.72 -23.62 19.40
C HIS A 151 -4.64 -22.25 20.07
N GLY A 152 -5.13 -21.21 19.41
CA GLY A 152 -5.07 -19.88 19.99
C GLY A 152 -6.30 -19.39 20.73
N THR A 153 -6.14 -18.26 21.41
CA THR A 153 -7.22 -17.63 22.15
C THR A 153 -7.84 -16.63 21.18
N LYS A 154 -9.17 -16.63 21.09
CA LYS A 154 -9.84 -15.73 20.16
C LYS A 154 -10.11 -14.38 20.85
N ILE A 155 -9.37 -13.36 20.43
CA ILE A 155 -9.49 -12.02 20.99
C ILE A 155 -10.62 -11.25 20.31
N TYR A 156 -10.93 -11.64 19.07
CA TYR A 156 -11.96 -10.95 18.31
C TYR A 156 -12.56 -11.90 17.28
N SER B 1 -9.49 -2.49 23.15
CA SER B 1 -8.94 -1.94 24.43
C SER B 1 -8.84 -0.42 24.37
N HIS B 2 -8.56 0.10 23.18
CA HIS B 2 -8.45 1.54 22.99
C HIS B 2 -9.82 2.20 22.90
N PRO B 3 -10.01 3.32 23.62
CA PRO B 3 -11.29 4.04 23.61
C PRO B 3 -11.56 4.55 22.19
N ASP B 4 -10.48 4.69 21.42
CA ASP B 4 -10.56 5.14 20.04
C ASP B 4 -11.33 4.13 19.20
N LEU B 5 -11.44 2.91 19.72
CA LEU B 5 -12.16 1.85 19.02
C LEU B 5 -13.55 2.33 18.62
N ASN B 6 -14.19 3.06 19.53
CA ASN B 6 -15.53 3.57 19.26
C ASN B 6 -15.55 4.37 17.97
N LYS B 7 -14.56 5.26 17.82
CA LYS B 7 -14.47 6.07 16.61
C LYS B 7 -14.43 5.17 15.39
N LEU B 8 -13.61 4.13 15.47
CA LEU B 8 -13.45 3.17 14.38
C LEU B 8 -14.81 2.61 13.96
N LEU B 9 -15.59 2.17 14.94
CA LEU B 9 -16.91 1.60 14.67
C LEU B 9 -17.86 2.59 14.00
N GLU B 10 -17.81 3.85 14.41
CA GLU B 10 -18.67 4.87 13.82
C GLU B 10 -18.29 5.14 12.39
N LEU B 11 -16.98 5.14 12.13
CA LEU B 11 -16.45 5.43 10.81
C LEU B 11 -16.48 4.28 9.82
N TRP B 12 -16.35 3.05 10.31
CA TRP B 12 -16.28 1.89 9.43
C TRP B 12 -17.28 1.79 8.28
N PRO B 13 -18.57 2.04 8.54
CA PRO B 13 -19.53 1.93 7.44
C PRO B 13 -19.13 2.79 6.23
N HIS B 14 -18.55 3.95 6.50
CA HIS B 14 -18.15 4.85 5.42
C HIS B 14 -16.88 4.40 4.73
N ILE B 15 -15.98 3.75 5.47
CA ILE B 15 -14.75 3.27 4.86
C ILE B 15 -15.09 2.13 3.92
N GLN B 16 -16.03 1.28 4.35
CA GLN B 16 -16.46 0.16 3.53
C GLN B 16 -17.15 0.67 2.25
N GLU B 17 -17.92 1.75 2.36
CA GLU B 17 -18.57 2.32 1.17
C GLU B 17 -17.51 2.82 0.21
N TYR B 18 -16.43 3.40 0.76
CA TYR B 18 -15.34 3.92 -0.05
C TYR B 18 -14.69 2.76 -0.81
N GLN B 19 -14.48 1.64 -0.12
CA GLN B 19 -13.89 0.46 -0.75
C GLN B 19 -14.83 -0.06 -1.83
N ASP B 20 -16.13 -0.08 -1.53
CA ASP B 20 -17.14 -0.54 -2.47
C ASP B 20 -17.05 0.30 -3.75
N LEU B 21 -16.98 1.61 -3.56
CA LEU B 21 -16.86 2.54 -4.67
C LEU B 21 -15.59 2.27 -5.47
N ALA B 22 -14.50 1.97 -4.77
CA ALA B 22 -13.23 1.69 -5.43
C ALA B 22 -13.32 0.46 -6.34
N LEU B 23 -14.00 -0.58 -5.85
CA LEU B 23 -14.15 -1.81 -6.63
C LEU B 23 -14.85 -1.57 -7.96
N LYS B 24 -15.87 -0.72 -7.95
CA LYS B 24 -16.62 -0.40 -9.16
C LYS B 24 -15.74 0.32 -10.17
N HIS B 25 -14.62 0.87 -9.70
CA HIS B 25 -13.70 1.59 -10.56
C HIS B 25 -12.41 0.84 -10.79
N GLY B 26 -12.38 -0.43 -10.42
CA GLY B 26 -11.22 -1.26 -10.66
C GLY B 26 -10.04 -1.18 -9.71
N ILE B 27 -10.27 -0.72 -8.49
CA ILE B 27 -9.22 -0.62 -7.48
C ILE B 27 -9.57 -1.70 -6.46
N ASN B 28 -8.74 -2.74 -6.42
CA ASN B 28 -8.98 -3.88 -5.53
C ASN B 28 -8.90 -3.62 -4.03
N ASP B 29 -7.91 -2.82 -3.62
CA ASP B 29 -7.72 -2.56 -2.19
C ASP B 29 -7.34 -1.11 -1.93
N ILE B 30 -8.23 -0.35 -1.30
CA ILE B 30 -7.92 1.05 -1.04
C ILE B 30 -6.73 1.23 -0.10
N PHE B 31 -6.44 0.21 0.71
CA PHE B 31 -5.33 0.30 1.65
C PHE B 31 -3.97 -0.19 1.15
N GLN B 32 -3.85 -0.39 -0.15
CA GLN B 32 -2.59 -0.83 -0.74
C GLN B 32 -2.31 -0.07 -2.04
N ASP B 33 -1.03 0.15 -2.32
CA ASP B 33 -0.58 0.83 -3.54
C ASP B 33 -1.28 2.15 -3.82
N ASN B 34 -1.57 2.92 -2.79
CA ASN B 34 -2.24 4.22 -2.97
C ASN B 34 -3.65 4.10 -3.53
N GLY B 35 -4.25 2.92 -3.42
CA GLY B 35 -5.59 2.69 -3.93
C GLY B 35 -6.58 3.81 -3.64
N GLY B 36 -6.70 4.19 -2.37
CA GLY B 36 -7.63 5.26 -1.98
C GLY B 36 -7.28 6.63 -2.53
N LYS B 37 -6.02 6.82 -2.94
CA LYS B 37 -5.58 8.09 -3.51
C LYS B 37 -5.94 8.13 -4.97
N LEU B 38 -5.56 7.07 -5.69
CA LEU B 38 -5.85 6.96 -7.11
C LEU B 38 -7.35 7.11 -7.39
N LEU B 39 -8.19 6.57 -6.51
CA LEU B 39 -9.64 6.67 -6.70
C LEU B 39 -10.11 8.13 -6.81
N GLN B 40 -9.53 9.01 -5.99
CA GLN B 40 -9.90 10.41 -6.02
C GLN B 40 -9.66 11.00 -7.40
N VAL B 41 -8.52 10.69 -7.99
CA VAL B 41 -8.17 11.18 -9.32
C VAL B 41 -9.18 10.69 -10.36
N LEU B 42 -9.49 9.40 -10.34
CA LEU B 42 -10.46 8.82 -11.27
C LEU B 42 -11.83 9.48 -11.21
N LEU B 43 -12.34 9.65 -9.98
CA LEU B 43 -13.64 10.26 -9.77
C LEU B 43 -13.71 11.72 -10.19
N ILE B 44 -12.63 12.46 -10.01
CA ILE B 44 -12.63 13.87 -10.39
C ILE B 44 -12.47 14.05 -11.89
N THR B 45 -11.61 13.24 -12.50
CA THR B 45 -11.35 13.34 -13.93
C THR B 45 -12.30 12.53 -14.79
N GLY B 46 -13.01 11.58 -14.17
CA GLY B 46 -13.93 10.74 -14.92
C GLY B 46 -13.22 9.73 -15.81
N LEU B 47 -11.95 9.43 -15.50
CA LEU B 47 -11.17 8.48 -16.28
C LEU B 47 -11.33 7.05 -15.79
N THR B 48 -11.01 6.10 -16.66
CA THR B 48 -11.06 4.68 -16.35
C THR B 48 -9.64 4.18 -16.28
N VAL B 49 -9.32 3.45 -15.23
CA VAL B 49 -7.95 2.95 -15.07
C VAL B 49 -7.67 1.83 -16.06
N LEU B 50 -6.40 1.63 -16.41
CA LEU B 50 -6.02 0.58 -17.35
C LEU B 50 -5.18 -0.48 -16.65
N PRO B 51 -5.48 -1.76 -16.90
CA PRO B 51 -4.74 -2.87 -16.28
C PRO B 51 -3.22 -2.72 -16.36
N GLY B 52 -2.60 -2.62 -15.19
CA GLY B 52 -1.15 -2.46 -15.06
C GLY B 52 -0.36 -2.11 -16.31
N GLY B 55 2.97 1.19 -19.40
CA GLY B 55 2.58 2.15 -20.47
C GLY B 55 1.44 3.06 -20.05
N ASN B 56 0.48 3.29 -20.95
CA ASN B 56 -0.66 4.15 -20.66
C ASN B 56 -1.42 3.63 -19.43
N ASP B 57 -1.89 4.54 -18.59
CA ASP B 57 -2.53 4.19 -17.34
C ASP B 57 -4.03 4.40 -17.20
N ALA B 58 -4.60 5.22 -18.07
CA ALA B 58 -6.01 5.49 -18.00
C ALA B 58 -6.53 5.85 -19.37
N VAL B 59 -7.85 5.86 -19.51
CA VAL B 59 -8.48 6.19 -20.78
C VAL B 59 -9.76 6.92 -20.45
N ASP B 60 -10.17 7.83 -21.32
CA ASP B 60 -11.42 8.54 -21.09
C ASP B 60 -12.53 7.87 -21.91
N ASN B 61 -13.74 8.40 -21.80
CA ASN B 61 -14.87 7.83 -22.51
C ASN B 61 -14.77 7.88 -24.03
N ALA B 62 -13.81 8.65 -24.54
CA ALA B 62 -13.65 8.77 -25.99
C ALA B 62 -12.50 7.94 -26.53
N GLY B 63 -11.96 7.04 -25.72
CA GLY B 63 -10.87 6.20 -26.18
C GLY B 63 -9.48 6.83 -26.17
N GLN B 64 -9.37 8.04 -25.64
CA GLN B 64 -8.07 8.71 -25.57
C GLN B 64 -7.33 8.16 -24.35
N GLU B 65 -6.15 7.62 -24.56
CA GLU B 65 -5.37 7.08 -23.46
C GLU B 65 -4.46 8.16 -22.86
N TYR B 66 -4.13 8.00 -21.58
CA TYR B 66 -3.29 8.96 -20.88
C TYR B 66 -2.21 8.30 -20.05
N GLU B 67 -1.13 9.05 -19.83
CA GLU B 67 -0.04 8.61 -19.00
C GLU B 67 -0.35 9.35 -17.70
N LEU B 68 -0.30 8.64 -16.58
CA LEU B 68 -0.62 9.24 -15.30
C LEU B 68 0.52 9.13 -14.30
N LYS B 69 0.94 10.28 -13.77
CA LYS B 69 2.01 10.34 -12.78
C LYS B 69 1.47 11.06 -11.57
N SER B 70 2.03 10.76 -10.41
CA SER B 70 1.59 11.39 -9.19
C SER B 70 2.75 11.51 -8.20
N ILE B 71 2.63 12.45 -7.27
CA ILE B 71 3.64 12.65 -6.25
C ILE B 71 2.98 13.22 -5.00
N ASN B 72 3.66 13.08 -3.87
CA ASN B 72 3.18 13.63 -2.62
C ASN B 72 4.03 14.87 -2.47
N ILE B 73 3.43 16.02 -2.69
CA ILE B 73 4.11 17.31 -2.62
C ILE B 73 4.97 17.47 -1.37
N ASP B 74 4.66 16.69 -0.34
CA ASP B 74 5.40 16.74 0.93
C ASP B 74 6.72 16.00 0.90
N LEU B 75 6.80 14.96 0.08
CA LEU B 75 8.01 14.15 0.00
C LEU B 75 8.92 14.50 -1.17
N THR B 76 8.39 15.13 -2.20
CA THR B 76 9.19 15.46 -3.36
C THR B 76 8.55 16.56 -4.22
N LYS B 77 9.36 17.15 -5.09
CA LYS B 77 8.87 18.22 -5.96
C LYS B 77 9.07 17.86 -7.43
N GLY B 78 9.37 16.59 -7.70
CA GLY B 78 9.58 16.18 -9.07
C GLY B 78 8.90 14.88 -9.43
N PHE B 79 8.20 14.88 -10.56
CA PHE B 79 7.51 13.70 -11.03
C PHE B 79 8.52 12.75 -11.66
N SER B 80 8.37 11.46 -11.38
CA SER B 80 9.26 10.46 -11.94
C SER B 80 8.75 10.14 -13.34
N THR B 81 9.60 9.49 -14.13
CA THR B 81 9.22 9.13 -15.50
C THR B 81 9.43 7.62 -15.73
N HIS B 82 10.63 7.26 -16.17
CA HIS B 82 10.94 5.86 -16.42
C HIS B 82 12.37 5.59 -16.00
N HIS B 83 12.64 4.38 -15.50
CA HIS B 83 13.96 4.01 -15.03
C HIS B 83 14.95 3.58 -16.11
N HIS B 84 14.45 3.17 -17.25
CA HIS B 84 15.30 2.76 -18.36
C HIS B 84 14.75 3.36 -19.63
N MET B 85 14.62 4.69 -19.64
CA MET B 85 14.07 5.33 -20.81
C MET B 85 15.08 5.56 -21.92
N ASN B 86 14.62 5.30 -23.13
CA ASN B 86 15.42 5.43 -24.34
C ASN B 86 14.48 6.01 -25.39
N PRO B 87 14.92 6.09 -26.66
CA PRO B 87 14.06 6.64 -27.71
C PRO B 87 12.72 5.92 -27.87
N VAL B 88 12.66 4.65 -27.51
CA VAL B 88 11.43 3.88 -27.64
C VAL B 88 10.41 4.35 -26.63
N ILE B 89 10.80 4.38 -25.36
CA ILE B 89 9.90 4.83 -24.32
C ILE B 89 9.43 6.25 -24.64
N ILE B 90 10.37 7.10 -25.07
CA ILE B 90 10.03 8.47 -25.42
C ILE B 90 8.99 8.52 -26.54
N ALA B 91 9.15 7.66 -27.55
CA ALA B 91 8.21 7.61 -28.66
C ALA B 91 6.80 7.26 -28.19
N LYS B 92 6.71 6.39 -27.19
CA LYS B 92 5.39 6.01 -26.66
C LYS B 92 4.83 7.23 -25.93
N TYR B 93 5.66 7.86 -25.10
CA TYR B 93 5.24 9.03 -24.34
C TYR B 93 4.71 10.17 -25.21
N ARG B 94 5.30 10.36 -26.38
CA ARG B 94 4.91 11.45 -27.27
C ARG B 94 3.51 11.32 -27.87
N GLN B 95 2.95 10.13 -27.84
CA GLN B 95 1.62 9.90 -28.42
C GLN B 95 0.45 10.28 -27.53
N VAL B 96 0.68 10.37 -26.23
CA VAL B 96 -0.45 10.68 -25.36
C VAL B 96 -0.28 11.86 -24.41
N PRO B 97 -1.40 12.47 -24.03
CA PRO B 97 -1.32 13.60 -23.10
C PRO B 97 -1.01 13.00 -21.71
N TRP B 98 -0.59 13.83 -20.77
CA TRP B 98 -0.26 13.34 -19.43
C TRP B 98 -1.11 13.99 -18.36
N ILE B 99 -1.48 13.20 -17.36
CA ILE B 99 -2.24 13.69 -16.21
C ILE B 99 -1.28 13.65 -15.02
N PHE B 100 -1.10 14.79 -14.36
CA PHE B 100 -0.21 14.89 -13.21
C PHE B 100 -1.05 15.11 -11.96
N ALA B 101 -0.98 14.16 -11.03
CA ALA B 101 -1.74 14.27 -9.81
C ALA B 101 -0.86 14.67 -8.63
N ILE B 102 -1.27 15.71 -7.93
CA ILE B 102 -0.50 16.18 -6.78
C ILE B 102 -1.26 15.96 -5.50
N TYR B 103 -0.71 15.12 -4.62
CA TYR B 103 -1.35 14.87 -3.34
C TYR B 103 -0.59 15.52 -2.20
N ARG B 104 -1.31 15.78 -1.12
CA ARG B 104 -0.72 16.33 0.09
C ARG B 104 -1.22 15.29 1.10
N GLY B 105 -0.34 14.38 1.49
CA GLY B 105 -0.76 13.33 2.41
C GLY B 105 -1.60 12.34 1.64
N ILE B 106 -2.87 12.22 2.00
CA ILE B 106 -3.77 11.29 1.31
C ILE B 106 -4.77 11.99 0.40
N ALA B 107 -4.85 13.32 0.49
CA ALA B 107 -5.79 14.09 -0.32
C ALA B 107 -5.17 14.71 -1.58
N ILE B 108 -5.92 14.70 -2.68
CA ILE B 108 -5.41 15.33 -3.89
C ILE B 108 -5.43 16.81 -3.62
N GLU B 109 -4.42 17.50 -4.11
CA GLU B 109 -4.34 18.93 -3.94
C GLU B 109 -4.63 19.58 -5.27
N ALA B 110 -4.06 19.02 -6.34
CA ALA B 110 -4.29 19.57 -7.66
C ALA B 110 -4.08 18.52 -8.75
N ILE B 111 -4.70 18.74 -9.91
CA ILE B 111 -4.54 17.82 -11.01
C ILE B 111 -4.31 18.64 -12.29
N TYR B 112 -3.23 18.33 -13.01
CA TYR B 112 -2.93 19.05 -14.24
C TYR B 112 -2.82 18.13 -15.43
N ARG B 113 -3.14 18.67 -16.60
CA ARG B 113 -3.06 17.95 -17.85
C ARG B 113 -2.12 18.70 -18.81
N LEU B 114 -1.18 17.99 -19.42
CA LEU B 114 -0.28 18.58 -20.39
C LEU B 114 -0.46 17.79 -21.67
N GLU B 115 -0.34 18.46 -22.80
CA GLU B 115 -0.45 17.79 -24.10
C GLU B 115 0.96 17.44 -24.53
N PRO B 116 1.12 16.60 -25.57
CA PRO B 116 2.47 16.27 -26.01
C PRO B 116 3.33 17.52 -26.28
N LYS B 117 2.70 18.54 -26.87
CA LYS B 117 3.37 19.80 -27.21
C LYS B 117 3.97 20.47 -25.97
N ASP B 118 3.35 20.26 -24.81
CA ASP B 118 3.84 20.85 -23.58
C ASP B 118 5.04 20.11 -23.00
N LEU B 119 5.30 18.91 -23.51
CA LEU B 119 6.40 18.09 -23.00
C LEU B 119 7.53 17.83 -23.99
N GLU B 120 7.40 18.31 -25.23
CA GLU B 120 8.44 18.11 -26.23
C GLU B 120 9.76 18.70 -25.75
N PHE B 121 9.68 19.76 -24.97
CA PHE B 121 10.87 20.40 -24.43
C PHE B 121 11.76 19.36 -23.72
N TYR B 122 11.14 18.45 -22.98
CA TYR B 122 11.87 17.42 -22.26
C TYR B 122 12.23 16.23 -23.14
N TYR B 123 11.28 15.79 -23.97
CA TYR B 123 11.51 14.66 -24.85
C TYR B 123 12.75 14.85 -25.72
N ASP B 124 12.85 16.01 -26.39
CA ASP B 124 14.00 16.26 -27.25
C ASP B 124 15.31 16.26 -26.47
N LYS B 125 15.30 16.88 -25.30
CA LYS B 125 16.49 16.94 -24.47
C LYS B 125 16.93 15.54 -24.03
N TRP B 126 15.98 14.72 -23.59
CA TRP B 126 16.31 13.37 -23.13
C TRP B 126 16.81 12.49 -24.28
N GLU B 127 16.20 12.65 -25.45
CA GLU B 127 16.58 11.86 -26.61
C GLU B 127 18.02 12.17 -26.98
N ARG B 128 18.31 13.45 -27.18
CA ARG B 128 19.64 13.90 -27.52
C ARG B 128 20.67 13.36 -26.53
N LYS B 129 20.33 13.39 -25.24
CA LYS B 129 21.23 12.89 -24.20
C LYS B 129 21.51 11.41 -24.32
N TRP B 130 20.51 10.66 -24.78
CA TRP B 130 20.67 9.22 -24.93
C TRP B 130 21.77 8.91 -25.93
N TYR B 131 21.75 9.61 -27.06
CA TYR B 131 22.75 9.40 -28.11
C TYR B 131 24.09 10.00 -27.73
N SER B 132 24.06 11.13 -27.02
CA SER B 132 25.27 11.81 -26.62
C SER B 132 26.09 10.96 -25.64
N ASP B 133 25.47 10.58 -24.53
CA ASP B 133 26.16 9.77 -23.53
C ASP B 133 26.47 8.38 -24.04
N GLY B 134 26.27 8.18 -25.35
CA GLY B 134 26.57 6.89 -25.95
C GLY B 134 25.51 5.81 -25.80
N HIS B 135 24.34 6.06 -26.38
CA HIS B 135 23.23 5.10 -26.35
C HIS B 135 23.04 4.44 -24.99
N LYS B 136 22.99 5.22 -23.93
CA LYS B 136 22.79 4.68 -22.59
C LYS B 136 21.48 5.17 -21.98
N ASP B 137 20.67 4.23 -21.49
CA ASP B 137 19.39 4.55 -20.88
C ASP B 137 19.54 5.58 -19.78
N ILE B 138 18.66 6.56 -19.77
CA ILE B 138 18.69 7.61 -18.75
C ILE B 138 17.97 7.09 -17.51
N ASN B 139 18.57 7.30 -16.34
CA ASN B 139 17.97 6.82 -15.10
C ASN B 139 16.90 7.74 -14.49
N ASN B 140 15.65 7.46 -14.85
CA ASN B 140 14.50 8.20 -14.35
C ASN B 140 14.66 9.71 -14.19
N PRO B 141 14.73 10.43 -15.31
CA PRO B 141 14.87 11.89 -15.21
C PRO B 141 13.53 12.41 -14.68
N LYS B 142 13.55 13.53 -13.97
CA LYS B 142 12.30 14.06 -13.41
C LYS B 142 11.77 15.33 -14.07
N ILE B 143 10.47 15.54 -13.91
CA ILE B 143 9.79 16.72 -14.43
C ILE B 143 9.41 17.54 -13.20
N PRO B 144 9.98 18.75 -13.07
CA PRO B 144 9.66 19.57 -11.90
C PRO B 144 8.19 19.94 -11.82
N VAL B 145 7.68 20.05 -10.60
CA VAL B 145 6.28 20.40 -10.39
C VAL B 145 5.95 21.80 -10.89
N LYS B 146 6.91 22.72 -10.75
CA LYS B 146 6.71 24.08 -11.21
C LYS B 146 6.46 24.10 -12.71
N TYR B 147 7.17 23.26 -13.43
CA TYR B 147 7.01 23.17 -14.88
C TYR B 147 5.59 22.73 -15.25
N VAL B 148 5.07 21.72 -14.55
CA VAL B 148 3.73 21.26 -14.85
C VAL B 148 2.71 22.33 -14.47
N MET B 149 2.96 23.05 -13.39
CA MET B 149 2.03 24.10 -12.96
C MET B 149 1.98 25.29 -13.91
N GLU B 150 3.11 25.57 -14.57
CA GLU B 150 3.17 26.69 -15.51
C GLU B 150 2.66 26.39 -16.91
N HIS B 151 2.89 25.16 -17.38
CA HIS B 151 2.49 24.77 -18.72
C HIS B 151 1.19 23.98 -18.85
N GLY B 152 0.69 23.47 -17.74
CA GLY B 152 -0.51 22.67 -17.81
C GLY B 152 -1.85 23.33 -17.62
N THR B 153 -2.89 22.57 -17.96
CA THR B 153 -4.25 23.04 -17.80
C THR B 153 -4.67 22.44 -16.46
N LYS B 154 -5.13 23.29 -15.56
CA LYS B 154 -5.54 22.85 -14.25
C LYS B 154 -6.95 22.30 -14.32
N ILE B 155 -7.09 20.98 -14.13
CA ILE B 155 -8.42 20.39 -14.17
C ILE B 155 -9.03 20.36 -12.77
N TYR B 156 -8.17 20.31 -11.75
CA TYR B 156 -8.62 20.34 -10.36
C TYR B 156 -7.62 21.18 -9.58
PR PR C . 7.42 -9.18 12.43
S SO4 D . 9.41 -11.04 10.75
O1 SO4 D . 9.51 -12.51 10.73
O2 SO4 D . 9.54 -10.58 12.15
O3 SO4 D . 10.50 -10.44 9.96
O4 SO4 D . 8.11 -10.64 10.18
PR PR E . 2.44 4.71 -17.00
S SO4 F . 5.44 4.15 -17.37
O1 SO4 F . 6.21 2.92 -17.07
O2 SO4 F . 4.90 4.71 -16.12
O3 SO4 F . 6.34 5.14 -17.98
O4 SO4 F . 4.38 3.81 -18.33
#